data_6A3D
#
_entry.id   6A3D
#
_cell.length_a   138.546
_cell.length_b   138.546
_cell.length_c   108.501
_cell.angle_alpha   90.00
_cell.angle_beta   90.00
_cell.angle_gamma   90.00
#
_symmetry.space_group_name_H-M   'I 4 2 2'
#
loop_
_entity.id
_entity.type
_entity.pdbx_description
1 polymer '4-hydroxymandelate oxidase'
2 non-polymer 1-deoxy-1-[(4aS)-4a-[(methoxycarbonyl)peroxy]-7,8-dimethyl-2,4-dioxo-3,4,4a,5-tetrahydrobenzo[g]pteridin-10(2H)-yl]-5-O-phosphono-D-ribitol
3 water water
#
_entity_poly.entity_id   1
_entity_poly.type   'polypeptide(L)'
_entity_poly.pdbx_seq_one_letter_code
;MGSSHHHHHHSSGLVPRGSHMTYVSLADLERAARDVLPGEIFDFLAGGSGTEASLVANRTALERVFVIPRMLRDLTDVTT
EIDIFGRRAALPMAVAPVAYQRLFHPEGELAVARAARDAGVPYTICTLSSVSLEEIAAVGGRPWFQLFWLRDEKRSLDLV
RRAEDAGCEAIVFTVDVPWMGRRLRDMRNGFALPEWVTAANFDAGTAAHRRTQGVSAVADHTAREFAPATWESVEAVRAH
TDLPVVLKGILAVEDARRAVDAGAGGIVVSNHGGRQLDGAVPGIEMLGEIVAAVSGGCEVLVDGGIRSGGDVLKATALGA
SAVLVGRPVMWALAAAGQDGVRQLLELLAEEVRDAMGLAGCESVGAARRLNTKLGVV
;
_entity_poly.pdbx_strand_id   A
#
loop_
_chem_comp.id
_chem_comp.type
_chem_comp.name
_chem_comp.formula
9PX non-polymer 1-deoxy-1-[(4aS)-4a-[(methoxycarbonyl)peroxy]-7,8-dimethyl-2,4-dioxo-3,4,4a,5-tetrahydrobenzo[g]pteridin-10(2H)-yl]-5-O-phosphono-D-ribitol 'C19 H25 N4 O13 P'
#
# COMPACT_ATOMS: atom_id res chain seq x y z
N ALA A 27 -1.88 -13.79 7.35
CA ALA A 27 -1.56 -15.20 7.11
C ALA A 27 -2.71 -16.11 7.53
N ASP A 28 -2.72 -16.50 8.81
CA ASP A 28 -3.78 -17.34 9.35
C ASP A 28 -5.14 -16.69 9.13
N LEU A 29 -5.35 -15.60 9.88
CA LEU A 29 -6.51 -14.72 9.89
C LEU A 29 -7.47 -14.75 8.71
N GLU A 30 -7.03 -15.13 7.49
CA GLU A 30 -7.96 -15.11 6.36
C GLU A 30 -9.13 -16.07 6.60
N ARG A 31 -8.87 -17.18 7.28
CA ARG A 31 -9.94 -18.08 7.69
C ARG A 31 -10.99 -17.36 8.52
N ALA A 32 -10.56 -16.74 9.63
CA ALA A 32 -11.48 -16.02 10.51
C ALA A 32 -12.24 -14.93 9.77
N ALA A 33 -11.56 -14.23 8.85
CA ALA A 33 -12.22 -13.18 8.09
C ALA A 33 -13.36 -13.73 7.25
N ARG A 34 -13.11 -14.85 6.56
CA ARG A 34 -14.16 -15.43 5.70
C ARG A 34 -15.36 -15.87 6.52
N ASP A 35 -15.12 -16.50 7.68
CA ASP A 35 -16.22 -16.99 8.51
C ASP A 35 -17.11 -15.84 8.98
N VAL A 36 -16.50 -14.77 9.49
CA VAL A 36 -17.28 -13.67 10.04
C VAL A 36 -17.83 -12.74 8.97
N LEU A 37 -17.20 -12.68 7.77
CA LEU A 37 -17.71 -11.72 6.81
C LEU A 37 -18.76 -12.34 5.92
N PRO A 38 -19.72 -11.55 5.44
CA PRO A 38 -20.64 -12.02 4.40
C PRO A 38 -19.87 -12.47 3.17
N GLY A 39 -20.51 -13.31 2.37
CA GLY A 39 -19.85 -13.85 1.19
C GLY A 39 -19.48 -12.78 0.18
N GLU A 40 -20.41 -11.86 -0.08
CA GLU A 40 -20.15 -10.81 -1.07
C GLU A 40 -19.13 -9.80 -0.58
N ILE A 41 -18.99 -9.64 0.74
CA ILE A 41 -18.00 -8.71 1.27
C ILE A 41 -16.60 -9.30 1.20
N PHE A 42 -16.46 -10.58 1.58
CA PHE A 42 -15.17 -11.24 1.46
C PHE A 42 -14.71 -11.29 0.02
N ASP A 43 -15.62 -11.64 -0.90
CA ASP A 43 -15.25 -11.66 -2.31
C ASP A 43 -14.86 -10.28 -2.80
N PHE A 44 -15.54 -9.24 -2.30
CA PHE A 44 -15.16 -7.88 -2.64
C PHE A 44 -13.73 -7.59 -2.24
N LEU A 45 -13.31 -8.07 -1.06
CA LEU A 45 -11.98 -7.80 -0.55
C LEU A 45 -10.93 -8.65 -1.24
N ALA A 46 -11.22 -9.93 -1.45
CA ALA A 46 -10.22 -10.87 -1.96
C ALA A 46 -10.06 -10.81 -3.48
N GLY A 47 -11.04 -10.26 -4.19
CA GLY A 47 -11.13 -10.46 -5.62
C GLY A 47 -10.17 -9.61 -6.44
N GLY A 48 -10.01 -10.04 -7.69
CA GLY A 48 -9.28 -9.27 -8.68
C GLY A 48 -10.14 -9.06 -9.91
N SER A 49 -9.57 -8.45 -10.96
CA SER A 49 -10.31 -8.25 -12.19
C SER A 49 -10.19 -9.48 -13.09
N GLY A 50 -11.11 -9.58 -14.05
CA GLY A 50 -11.06 -10.63 -15.06
C GLY A 50 -10.87 -12.01 -14.48
N THR A 51 -9.99 -12.79 -15.14
CA THR A 51 -9.65 -14.12 -14.68
C THR A 51 -8.78 -14.12 -13.42
N GLU A 52 -8.51 -12.95 -12.84
CA GLU A 52 -7.63 -12.81 -11.67
C GLU A 52 -6.21 -13.30 -11.97
N ALA A 53 -5.77 -13.12 -13.21
CA ALA A 53 -4.42 -13.55 -13.59
C ALA A 53 -3.36 -12.75 -12.84
N SER A 54 -3.55 -11.43 -12.72
CA SER A 54 -2.57 -10.60 -12.05
C SER A 54 -2.63 -10.74 -10.53
N LEU A 55 -3.81 -11.02 -9.97
CA LEU A 55 -3.90 -11.30 -8.54
C LEU A 55 -3.04 -12.50 -8.16
N VAL A 56 -3.17 -13.59 -8.92
CA VAL A 56 -2.38 -14.79 -8.64
C VAL A 56 -0.90 -14.53 -8.94
N ALA A 57 -0.61 -13.76 -9.99
CA ALA A 57 0.78 -13.58 -10.39
C ALA A 57 1.56 -12.80 -9.33
N ASN A 58 0.90 -11.91 -8.58
CA ASN A 58 1.59 -11.22 -7.48
C ASN A 58 2.20 -12.21 -6.52
N ARG A 59 1.47 -13.27 -6.19
CA ARG A 59 1.98 -14.28 -5.28
C ARG A 59 3.03 -15.16 -5.94
N THR A 60 2.76 -15.65 -7.16
CA THR A 60 3.73 -16.51 -7.83
C THR A 60 5.05 -15.79 -8.06
N ALA A 61 5.00 -14.50 -8.39
CA ALA A 61 6.23 -13.73 -8.58
C ALA A 61 7.05 -13.68 -7.30
N LEU A 62 6.39 -13.46 -6.15
CA LEU A 62 7.14 -13.38 -4.89
C LEU A 62 7.75 -14.72 -4.52
N GLU A 63 7.01 -15.80 -4.76
CA GLU A 63 7.46 -17.13 -4.38
C GLU A 63 8.67 -17.58 -5.19
N ARG A 64 8.83 -17.04 -6.41
CA ARG A 64 9.99 -17.33 -7.24
C ARG A 64 11.26 -16.64 -6.77
N VAL A 65 11.16 -15.64 -5.89
CA VAL A 65 12.33 -14.86 -5.47
C VAL A 65 12.97 -15.55 -4.28
N PHE A 66 14.28 -15.77 -4.36
CA PHE A 66 15.03 -16.32 -3.25
C PHE A 66 16.08 -15.31 -2.82
N VAL A 67 16.25 -15.14 -1.52
CA VAL A 67 17.22 -14.19 -0.98
C VAL A 67 18.54 -14.91 -0.77
N ILE A 68 19.64 -14.24 -1.10
CA ILE A 68 20.96 -14.75 -0.75
C ILE A 68 21.41 -14.09 0.55
N PRO A 69 21.32 -14.78 1.69
CA PRO A 69 21.65 -14.14 2.97
C PRO A 69 23.14 -14.00 3.16
N ARG A 70 23.51 -13.03 4.00
CA ARG A 70 24.86 -12.78 4.41
C ARG A 70 25.04 -13.25 5.84
N MET A 71 26.23 -13.72 6.16
CA MET A 71 26.46 -14.33 7.45
C MET A 71 27.49 -13.52 8.21
N LEU A 72 27.45 -13.67 9.54
CA LEU A 72 28.55 -13.29 10.41
C LEU A 72 28.73 -11.78 10.51
N ARG A 73 27.68 -11.02 10.27
CA ARG A 73 27.77 -9.58 10.47
C ARG A 73 27.24 -9.21 11.85
N ASP A 74 27.68 -8.06 12.34
CA ASP A 74 27.20 -7.54 13.60
C ASP A 74 25.69 -7.33 13.56
N LEU A 75 24.98 -7.96 14.50
CA LEU A 75 23.55 -7.77 14.64
C LEU A 75 23.18 -7.20 16.01
N THR A 76 24.12 -6.52 16.67
CA THR A 76 23.90 -6.09 18.06
C THR A 76 22.71 -5.15 18.18
N ASP A 77 22.39 -4.43 17.11
CA ASP A 77 21.31 -3.45 17.12
C ASP A 77 20.60 -3.49 15.77
N VAL A 78 19.97 -4.63 15.47
CA VAL A 78 19.11 -4.73 14.30
C VAL A 78 17.94 -3.77 14.47
N THR A 79 17.70 -2.96 13.45
CA THR A 79 16.60 -2.01 13.46
C THR A 79 15.84 -2.12 12.15
N THR A 80 14.52 -2.17 12.25
CA THR A 80 13.64 -2.21 11.08
C THR A 80 13.13 -0.84 10.70
N GLU A 81 13.68 0.22 11.29
CA GLU A 81 13.17 1.56 11.03
C GLU A 81 13.70 2.10 9.70
N ILE A 82 12.89 2.96 9.08
CA ILE A 82 13.30 3.69 7.88
C ILE A 82 12.87 5.13 8.07
N ASP A 83 13.56 6.03 7.38
CA ASP A 83 13.09 7.40 7.21
C ASP A 83 12.41 7.50 5.86
N ILE A 84 11.17 7.98 5.84
CA ILE A 84 10.50 8.15 4.55
C ILE A 84 9.62 9.39 4.62
N PHE A 85 9.69 10.23 3.59
CA PHE A 85 8.90 11.47 3.52
C PHE A 85 9.07 12.31 4.78
N GLY A 86 10.32 12.41 5.25
CA GLY A 86 10.68 13.23 6.38
C GLY A 86 10.43 12.64 7.76
N ARG A 87 9.85 11.43 7.84
CA ARG A 87 9.41 10.89 9.11
C ARG A 87 9.94 9.47 9.30
N ARG A 88 10.25 9.14 10.55
CA ARG A 88 10.69 7.81 10.90
C ARG A 88 9.49 6.87 10.98
N ALA A 89 9.63 5.70 10.38
CA ALA A 89 8.63 4.65 10.45
C ALA A 89 9.25 3.44 11.15
N ALA A 90 8.42 2.68 11.87
CA ALA A 90 8.93 1.56 12.65
C ALA A 90 9.37 0.40 11.77
N LEU A 91 8.75 0.25 10.60
CA LEU A 91 8.94 -0.85 9.65
C LEU A 91 8.99 -0.27 8.25
N PRO A 92 9.63 -0.97 7.31
CA PRO A 92 9.54 -0.50 5.91
C PRO A 92 8.18 -0.90 5.33
N MET A 93 7.13 -0.29 5.86
CA MET A 93 5.79 -0.76 5.56
C MET A 93 4.77 0.31 5.93
N ALA A 94 3.70 0.42 5.14
CA ALA A 94 2.54 1.24 5.44
C ALA A 94 1.28 0.45 5.14
N VAL A 95 0.16 0.86 5.74
CA VAL A 95 -1.13 0.26 5.42
C VAL A 95 -1.60 0.79 4.08
N ALA A 96 -1.94 -0.11 3.16
CA ALA A 96 -2.37 0.29 1.83
C ALA A 96 -3.76 0.91 1.89
N PRO A 97 -4.07 1.84 0.99
CA PRO A 97 -5.44 2.36 0.92
C PRO A 97 -6.41 1.26 0.51
N VAL A 98 -7.41 1.03 1.35
CA VAL A 98 -8.48 0.07 1.08
C VAL A 98 -9.80 0.77 1.41
N ALA A 99 -10.68 0.87 0.42
CA ALA A 99 -11.86 1.70 0.59
C ALA A 99 -12.90 1.05 1.51
N TYR A 100 -13.68 1.89 2.18
CA TYR A 100 -14.88 1.48 2.90
C TYR A 100 -14.59 0.41 3.94
N GLN A 101 -13.75 0.78 4.92
CA GLN A 101 -13.31 -0.20 5.90
C GLN A 101 -14.38 -0.57 6.92
N ARG A 102 -15.46 0.22 7.03
CA ARG A 102 -16.60 -0.21 7.84
C ARG A 102 -17.33 -1.40 7.23
N LEU A 103 -17.03 -1.75 5.98
CA LEU A 103 -17.53 -3.01 5.44
C LEU A 103 -17.01 -4.21 6.21
N PHE A 104 -15.88 -4.06 6.89
CA PHE A 104 -15.21 -5.18 7.54
C PHE A 104 -15.34 -5.18 9.05
N HIS A 105 -15.62 -4.04 9.67
CA HIS A 105 -15.72 -3.92 11.11
C HIS A 105 -16.34 -2.58 11.45
N PRO A 106 -17.22 -2.52 12.46
CA PRO A 106 -17.94 -1.27 12.76
C PRO A 106 -17.04 -0.08 13.05
N GLU A 107 -15.87 -0.30 13.65
CA GLU A 107 -14.95 0.81 13.86
C GLU A 107 -14.18 1.17 12.60
N GLY A 108 -14.19 0.32 11.58
CA GLY A 108 -13.71 0.68 10.25
C GLY A 108 -12.31 1.27 10.27
N GLU A 109 -12.17 2.41 9.58
CA GLU A 109 -10.86 3.04 9.41
C GLU A 109 -10.26 3.49 10.74
N LEU A 110 -11.10 3.86 11.71
CA LEU A 110 -10.56 4.38 12.96
C LEU A 110 -9.78 3.31 13.69
N ALA A 111 -10.26 2.07 13.66
CA ALA A 111 -9.54 0.99 14.32
C ALA A 111 -8.19 0.73 13.64
N VAL A 112 -8.16 0.76 12.30
CA VAL A 112 -6.90 0.48 11.62
C VAL A 112 -5.91 1.59 11.88
N ALA A 113 -6.35 2.85 11.79
CA ALA A 113 -5.45 3.98 11.99
C ALA A 113 -4.86 3.99 13.39
N ARG A 114 -5.65 3.63 14.40
CA ARG A 114 -5.12 3.59 15.76
C ARG A 114 -4.03 2.53 15.89
N ALA A 115 -4.29 1.33 15.36
CA ALA A 115 -3.30 0.27 15.43
C ALA A 115 -2.04 0.63 14.66
N ALA A 116 -2.18 1.25 13.48
CA ALA A 116 -1.02 1.70 12.71
C ALA A 116 -0.24 2.75 13.46
N ARG A 117 -0.93 3.74 14.02
CA ARG A 117 -0.26 4.73 14.86
C ARG A 117 0.54 4.06 15.98
N ASP A 118 -0.09 3.14 16.70
CA ASP A 118 0.58 2.50 17.84
C ASP A 118 1.76 1.66 17.39
N ALA A 119 1.71 1.13 16.16
CA ALA A 119 2.79 0.31 15.63
C ALA A 119 3.91 1.15 15.01
N GLY A 120 3.72 2.45 14.86
CA GLY A 120 4.70 3.31 14.24
C GLY A 120 4.71 3.22 12.73
N VAL A 121 3.62 2.79 12.12
CA VAL A 121 3.52 2.54 10.68
C VAL A 121 2.60 3.58 10.04
N PRO A 122 2.92 4.13 8.86
CA PRO A 122 1.97 5.03 8.20
C PRO A 122 0.69 4.31 7.82
N TYR A 123 -0.41 5.05 7.85
CA TYR A 123 -1.73 4.58 7.46
C TYR A 123 -2.24 5.45 6.32
N THR A 124 -2.70 4.83 5.22
CA THR A 124 -3.15 5.60 4.05
C THR A 124 -4.67 5.76 4.11
N ILE A 125 -5.11 7.00 4.33
CA ILE A 125 -6.54 7.32 4.31
C ILE A 125 -7.03 7.30 2.86
N CYS A 126 -8.14 6.61 2.63
CA CYS A 126 -8.75 6.53 1.30
C CYS A 126 -9.66 7.71 1.02
N THR A 127 -9.66 8.12 -0.25
CA THR A 127 -10.69 9.01 -0.75
C THR A 127 -12.09 8.47 -0.46
N LEU A 128 -12.28 7.16 -0.66
CA LEU A 128 -13.55 6.49 -0.36
C LEU A 128 -13.54 5.87 1.03
N SER A 129 -13.07 6.59 2.03
CA SER A 129 -13.13 6.05 3.39
C SER A 129 -14.56 6.14 3.92
N SER A 130 -14.95 5.16 4.74
CA SER A 130 -16.26 5.16 5.37
C SER A 130 -16.29 5.97 6.66
N VAL A 131 -15.20 6.67 6.98
CA VAL A 131 -15.12 7.66 8.04
C VAL A 131 -14.32 8.83 7.46
N SER A 132 -14.69 10.05 7.84
CA SER A 132 -14.08 11.23 7.22
C SER A 132 -12.57 11.26 7.46
N LEU A 133 -11.86 11.91 6.54
CA LEU A 133 -10.40 11.94 6.63
C LEU A 133 -9.93 12.77 7.81
N GLU A 134 -10.66 13.83 8.15
CA GLU A 134 -10.27 14.65 9.29
C GLU A 134 -10.34 13.84 10.59
N GLU A 135 -11.35 12.98 10.72
CA GLU A 135 -11.45 12.12 11.89
C GLU A 135 -10.31 11.12 11.94
N ILE A 136 -10.07 10.42 10.82
CA ILE A 136 -8.96 9.47 10.78
C ILE A 136 -7.65 10.16 11.13
N ALA A 137 -7.42 11.33 10.56
CA ALA A 137 -6.18 12.07 10.82
C ALA A 137 -6.06 12.46 12.29
N ALA A 138 -7.20 12.71 12.95
CA ALA A 138 -7.17 13.13 14.36
C ALA A 138 -6.61 12.03 15.25
N VAL A 139 -6.77 10.77 14.84
CA VAL A 139 -6.19 9.64 15.56
C VAL A 139 -4.70 9.87 15.83
N GLY A 140 -4.04 10.64 14.97
CA GLY A 140 -2.62 10.86 15.11
C GLY A 140 -1.83 9.92 14.22
N GLY A 141 -0.62 9.58 14.65
CA GLY A 141 0.27 8.80 13.79
C GLY A 141 0.81 9.70 12.70
N ARG A 142 1.10 9.12 11.55
CA ARG A 142 1.40 9.94 10.38
C ARG A 142 0.56 9.36 9.26
N PRO A 143 -0.62 9.93 9.06
CA PRO A 143 -1.48 9.45 7.99
C PRO A 143 -1.03 10.00 6.64
N TRP A 144 -1.15 9.16 5.63
CA TRP A 144 -1.09 9.55 4.23
C TRP A 144 -2.50 9.63 3.70
N PHE A 145 -2.66 10.36 2.59
CA PHE A 145 -3.97 10.50 1.98
C PHE A 145 -3.91 10.03 0.53
N GLN A 146 -4.73 9.04 0.20
CA GLN A 146 -4.86 8.54 -1.15
C GLN A 146 -5.93 9.33 -1.90
N LEU A 147 -5.55 9.89 -3.05
CA LEU A 147 -6.42 10.72 -3.86
C LEU A 147 -6.85 9.99 -5.13
N PHE A 148 -8.16 9.91 -5.34
CA PHE A 148 -8.75 9.63 -6.64
C PHE A 148 -9.14 10.95 -7.29
N TRP A 149 -8.75 11.12 -8.55
CA TRP A 149 -9.06 12.37 -9.25
C TRP A 149 -10.56 12.44 -9.51
N LEU A 150 -11.14 13.61 -9.23
CA LEU A 150 -12.55 13.87 -9.51
C LEU A 150 -12.67 14.70 -10.77
N ARG A 151 -13.84 14.63 -11.41
CA ARG A 151 -14.04 15.39 -12.65
C ARG A 151 -13.74 16.87 -12.49
N ASP A 152 -13.85 17.39 -11.27
CA ASP A 152 -13.51 18.77 -10.97
C ASP A 152 -12.08 18.85 -10.47
N GLU A 153 -11.22 19.56 -11.22
CA GLU A 153 -9.91 19.90 -10.67
C GLU A 153 -10.05 20.63 -9.34
N LYS A 154 -11.18 21.32 -9.13
CA LYS A 154 -11.36 22.12 -7.93
C LYS A 154 -11.72 21.28 -6.72
N ARG A 155 -12.64 20.32 -6.89
CA ARG A 155 -12.92 19.39 -5.79
C ARG A 155 -11.69 18.53 -5.48
N SER A 156 -10.96 18.11 -6.52
CA SER A 156 -9.74 17.34 -6.30
C SER A 156 -8.74 18.13 -5.46
N LEU A 157 -8.46 19.36 -5.87
CA LEU A 157 -7.47 20.14 -5.14
C LEU A 157 -7.97 20.53 -3.75
N ASP A 158 -9.29 20.70 -3.59
CA ASP A 158 -9.84 20.94 -2.26
C ASP A 158 -9.63 19.73 -1.37
N LEU A 159 -9.87 18.53 -1.91
CA LEU A 159 -9.61 17.30 -1.15
C LEU A 159 -8.14 17.22 -0.74
N VAL A 160 -7.23 17.64 -1.62
CA VAL A 160 -5.82 17.66 -1.27
C VAL A 160 -5.57 18.67 -0.16
N ARG A 161 -6.20 19.85 -0.26
CA ARG A 161 -6.06 20.84 0.80
C ARG A 161 -6.60 20.33 2.13
N ARG A 162 -7.76 19.66 2.11
CA ARG A 162 -8.30 19.09 3.34
C ARG A 162 -7.29 18.13 3.96
N ALA A 163 -6.73 17.23 3.16
CA ALA A 163 -5.74 16.30 3.68
C ALA A 163 -4.57 17.03 4.27
N GLU A 164 -4.10 18.09 3.60
CA GLU A 164 -2.92 18.77 4.10
C GLU A 164 -3.23 19.58 5.35
N ASP A 165 -4.39 20.25 5.37
CA ASP A 165 -4.81 20.97 6.57
C ASP A 165 -4.95 20.03 7.76
N ALA A 166 -5.42 18.81 7.51
CA ALA A 166 -5.63 17.78 8.53
C ALA A 166 -4.34 17.16 9.04
N GLY A 167 -3.18 17.54 8.52
CA GLY A 167 -1.93 16.98 8.98
C GLY A 167 -1.43 15.74 8.26
N CYS A 168 -2.02 15.37 7.13
CA CYS A 168 -1.50 14.24 6.37
C CYS A 168 -0.08 14.55 5.88
N GLU A 169 0.74 13.50 5.80
CA GLU A 169 2.15 13.66 5.48
C GLU A 169 2.49 13.45 4.01
N ALA A 170 1.59 12.86 3.23
CA ALA A 170 1.88 12.59 1.82
C ALA A 170 0.56 12.43 1.09
N ILE A 171 0.55 12.82 -0.19
CA ILE A 171 -0.58 12.58 -1.07
C ILE A 171 -0.22 11.38 -1.92
N VAL A 172 -0.98 10.29 -1.77
CA VAL A 172 -0.77 9.07 -2.55
C VAL A 172 -1.77 9.17 -3.69
N PHE A 173 -1.32 9.70 -4.82
CA PHE A 173 -2.19 9.89 -5.98
C PHE A 173 -2.29 8.57 -6.73
N THR A 174 -3.46 7.94 -6.71
CA THR A 174 -3.67 6.70 -7.45
C THR A 174 -3.83 7.01 -8.93
N VAL A 175 -2.98 6.40 -9.75
CA VAL A 175 -2.88 6.74 -11.16
C VAL A 175 -3.22 5.59 -12.07
N ASP A 176 -3.62 4.43 -11.53
CA ASP A 176 -3.96 3.28 -12.34
C ASP A 176 -5.45 2.99 -12.36
N VAL A 177 -6.26 3.99 -11.99
CA VAL A 177 -7.72 3.84 -12.06
C VAL A 177 -8.28 5.03 -12.84
N PRO A 178 -8.13 5.08 -14.17
CA PRO A 178 -8.99 5.97 -14.95
C PRO A 178 -10.44 5.60 -14.79
N TRP A 179 -10.71 4.30 -14.62
CA TRP A 179 -12.00 3.78 -14.21
C TRP A 179 -11.75 2.43 -13.55
N MET A 180 -12.77 1.92 -12.88
CA MET A 180 -12.63 0.66 -12.16
C MET A 180 -12.53 -0.50 -13.14
N GLY A 181 -11.58 -1.41 -12.88
CA GLY A 181 -11.52 -2.65 -13.63
C GLY A 181 -12.74 -3.52 -13.39
N ARG A 182 -12.92 -4.50 -14.27
CA ARG A 182 -14.13 -5.34 -14.26
C ARG A 182 -13.95 -6.47 -13.25
N ARG A 183 -14.59 -6.32 -12.09
CA ARG A 183 -14.53 -7.32 -11.02
C ARG A 183 -15.63 -8.35 -11.25
N LEU A 184 -15.24 -9.56 -11.69
CA LEU A 184 -16.25 -10.56 -12.03
C LEU A 184 -16.91 -11.16 -10.79
N ARG A 185 -16.21 -11.20 -9.66
CA ARG A 185 -16.84 -11.65 -8.42
C ARG A 185 -17.99 -10.74 -8.04
N ASP A 186 -17.76 -9.42 -8.09
CA ASP A 186 -18.80 -8.46 -7.73
C ASP A 186 -19.98 -8.54 -8.71
N MET A 187 -19.70 -8.62 -10.01
CA MET A 187 -20.76 -8.69 -11.00
C MET A 187 -21.64 -9.93 -10.78
N ARG A 188 -21.01 -11.08 -10.55
CA ARG A 188 -21.75 -12.30 -10.25
C ARG A 188 -22.61 -12.13 -9.00
N ASN A 189 -22.00 -11.61 -7.92
CA ASN A 189 -22.73 -11.40 -6.68
C ASN A 189 -23.80 -10.33 -6.78
N GLY A 190 -23.70 -9.44 -7.78
CA GLY A 190 -24.54 -8.26 -7.81
C GLY A 190 -24.31 -7.44 -6.55
N PHE A 191 -23.04 -7.28 -6.19
CA PHE A 191 -22.66 -6.65 -4.94
C PHE A 191 -22.84 -5.14 -5.00
N ALA A 192 -23.26 -4.56 -3.88
CA ALA A 192 -23.46 -3.13 -3.77
C ALA A 192 -23.21 -2.71 -2.34
N LEU A 193 -22.80 -1.46 -2.16
CA LEU A 193 -22.54 -0.94 -0.84
C LEU A 193 -23.84 -0.80 -0.06
N PRO A 194 -24.00 -1.50 1.06
CA PRO A 194 -25.24 -1.38 1.82
C PRO A 194 -25.28 -0.10 2.64
N GLU A 195 -26.46 0.17 3.20
CA GLU A 195 -26.69 1.28 4.12
C GLU A 195 -25.99 2.58 3.73
N VAL A 197 -22.58 1.55 4.78
CA VAL A 197 -21.36 2.33 4.70
C VAL A 197 -21.50 3.39 3.60
N THR A 198 -20.94 4.56 3.86
CA THR A 198 -20.99 5.68 2.92
C THR A 198 -19.58 6.19 2.64
N ALA A 199 -19.49 7.08 1.64
CA ALA A 199 -18.25 7.78 1.33
C ALA A 199 -18.21 9.06 2.15
N ALA A 200 -17.69 8.94 3.38
CA ALA A 200 -17.79 10.01 4.37
C ALA A 200 -17.10 11.30 3.95
N ASN A 201 -16.24 11.27 2.94
CA ASN A 201 -15.55 12.50 2.57
C ASN A 201 -16.38 13.41 1.66
N PHE A 202 -17.56 12.97 1.23
CA PHE A 202 -18.36 13.69 0.23
C PHE A 202 -19.72 14.09 0.76
N ASP A 203 -20.15 15.30 0.41
CA ASP A 203 -21.43 15.86 0.85
C ASP A 203 -22.54 15.61 -0.17
N PHE A 226 -16.05 11.04 -10.63
CA PHE A 226 -14.61 10.84 -10.82
C PHE A 226 -14.23 11.02 -12.29
N ALA A 227 -12.95 11.25 -12.55
CA ALA A 227 -12.41 11.41 -13.89
C ALA A 227 -11.03 10.76 -13.96
N PRO A 228 -10.58 10.43 -15.17
CA PRO A 228 -9.21 9.90 -15.32
C PRO A 228 -8.16 10.97 -15.04
N ALA A 229 -7.15 10.60 -14.25
CA ALA A 229 -6.02 11.46 -14.02
C ALA A 229 -5.02 11.37 -15.17
N THR A 230 -4.37 12.50 -15.48
CA THR A 230 -3.29 12.56 -16.46
C THR A 230 -2.06 13.20 -15.82
N TRP A 231 -0.99 13.35 -16.61
CA TRP A 231 0.19 14.02 -16.08
C TRP A 231 -0.10 15.49 -15.76
N GLU A 232 -1.06 16.11 -16.43
CA GLU A 232 -1.46 17.46 -16.04
CA GLU A 232 -1.48 17.46 -16.05
C GLU A 232 -2.09 17.47 -14.66
N SER A 233 -2.90 16.46 -14.34
CA SER A 233 -3.49 16.39 -13.00
C SER A 233 -2.41 16.26 -11.93
N VAL A 234 -1.40 15.43 -12.18
CA VAL A 234 -0.26 15.30 -11.28
C VAL A 234 0.42 16.64 -11.07
N GLU A 235 0.62 17.40 -12.15
CA GLU A 235 1.29 18.70 -11.98
C GLU A 235 0.42 19.63 -11.15
N ALA A 236 -0.90 19.53 -11.32
CA ALA A 236 -1.81 20.41 -10.56
C ALA A 236 -1.72 20.10 -9.07
N VAL A 237 -1.79 18.82 -8.71
CA VAL A 237 -1.55 18.42 -7.31
C VAL A 237 -0.21 18.93 -6.84
N ARG A 238 0.85 18.66 -7.61
CA ARG A 238 2.19 19.05 -7.17
C ARG A 238 2.29 20.54 -6.93
N ALA A 239 1.70 21.36 -7.83
CA ALA A 239 1.76 22.81 -7.64
C ALA A 239 0.93 23.27 -6.44
N HIS A 240 -0.04 22.46 -5.99
CA HIS A 240 -0.97 22.87 -4.96
C HIS A 240 -0.57 22.43 -3.55
N THR A 241 0.49 21.66 -3.39
CA THR A 241 0.81 21.14 -2.07
C THR A 241 2.30 21.20 -1.84
N ASP A 242 2.68 21.35 -0.57
CA ASP A 242 4.07 21.14 -0.20
C ASP A 242 4.33 19.70 0.20
N LEU A 243 3.30 18.87 0.31
CA LEU A 243 3.49 17.48 0.71
C LEU A 243 4.11 16.68 -0.43
N PRO A 244 4.90 15.65 -0.13
CA PRO A 244 5.37 14.76 -1.20
C PRO A 244 4.18 14.10 -1.89
N VAL A 245 4.26 14.03 -3.21
CA VAL A 245 3.25 13.37 -4.02
C VAL A 245 3.77 12.01 -4.43
N VAL A 246 2.97 10.97 -4.21
CA VAL A 246 3.38 9.58 -4.41
C VAL A 246 2.43 8.98 -5.42
N LEU A 247 2.95 8.54 -6.56
CA LEU A 247 2.10 8.00 -7.61
C LEU A 247 1.94 6.49 -7.43
N LYS A 248 0.71 6.06 -7.18
CA LYS A 248 0.44 4.66 -6.89
C LYS A 248 -0.15 3.99 -8.13
N GLY A 249 0.48 2.90 -8.57
CA GLY A 249 0.02 2.20 -9.74
C GLY A 249 0.96 2.33 -10.93
N ILE A 250 2.26 2.52 -10.68
CA ILE A 250 3.25 2.67 -11.74
C ILE A 250 3.85 1.29 -12.03
N LEU A 251 3.87 0.89 -13.31
CA LEU A 251 4.46 -0.37 -13.69
C LEU A 251 5.49 -0.26 -14.82
N ALA A 252 5.42 0.77 -15.66
CA ALA A 252 6.39 0.93 -16.73
C ALA A 252 7.60 1.74 -16.27
N VAL A 253 8.79 1.28 -16.69
CA VAL A 253 10.03 1.97 -16.32
C VAL A 253 9.98 3.43 -16.74
N GLU A 254 9.46 3.71 -17.93
CA GLU A 254 9.49 5.12 -18.30
C GLU A 254 8.44 5.96 -17.58
N ASP A 255 7.38 5.35 -17.07
CA ASP A 255 6.48 6.11 -16.20
C ASP A 255 7.13 6.41 -14.87
N ALA A 256 7.97 5.50 -14.36
CA ALA A 256 8.71 5.79 -13.15
C ALA A 256 9.70 6.92 -13.37
N ARG A 257 10.43 6.92 -14.49
CA ARG A 257 11.33 8.02 -14.79
C ARG A 257 10.56 9.32 -14.90
N ARG A 258 9.44 9.29 -15.62
CA ARG A 258 8.66 10.51 -15.79
C ARG A 258 8.09 10.98 -14.45
N ALA A 259 7.72 10.06 -13.57
CA ALA A 259 7.22 10.46 -12.25
C ALA A 259 8.25 11.29 -11.50
N VAL A 260 9.52 10.87 -11.58
CA VAL A 260 10.58 11.65 -10.94
C VAL A 260 10.74 13.00 -11.63
N ASP A 261 10.81 13.01 -12.97
CA ASP A 261 10.83 14.27 -13.72
C ASP A 261 9.64 15.15 -13.36
N ALA A 262 8.47 14.54 -13.11
CA ALA A 262 7.30 15.30 -12.74
C ALA A 262 7.34 15.84 -11.31
N GLY A 263 8.37 15.52 -10.53
CA GLY A 263 8.44 16.02 -9.18
C GLY A 263 7.80 15.14 -8.12
N ALA A 264 7.43 13.90 -8.45
CA ALA A 264 6.92 12.99 -7.44
C ALA A 264 7.97 12.72 -6.39
N GLY A 265 7.52 12.61 -5.13
CA GLY A 265 8.43 12.20 -4.09
C GLY A 265 8.54 10.72 -3.92
N GLY A 266 7.63 9.97 -4.55
CA GLY A 266 7.66 8.52 -4.45
C GLY A 266 6.77 7.92 -5.51
N ILE A 267 6.93 6.61 -5.71
CA ILE A 267 5.97 5.88 -6.52
C ILE A 267 5.67 4.58 -5.80
N VAL A 268 4.52 4.01 -6.11
CA VAL A 268 4.20 2.67 -5.63
C VAL A 268 4.08 1.80 -6.86
N VAL A 269 4.99 0.85 -6.99
CA VAL A 269 5.01 -0.09 -8.10
C VAL A 269 4.00 -1.17 -7.78
N SER A 270 2.95 -1.25 -8.60
CA SER A 270 1.71 -1.86 -8.11
C SER A 270 0.81 -2.14 -9.30
N ASN A 271 0.21 -3.33 -9.34
CA ASN A 271 -0.89 -3.54 -10.28
C ASN A 271 -2.22 -3.51 -9.56
N HIS A 272 -2.27 -2.80 -8.44
CA HIS A 272 -3.50 -2.55 -7.72
C HIS A 272 -4.06 -3.85 -7.15
N GLY A 273 -3.16 -4.71 -6.67
CA GLY A 273 -3.56 -6.02 -6.17
C GLY A 273 -4.29 -6.89 -7.17
N GLY A 274 -3.99 -6.75 -8.46
CA GLY A 274 -4.67 -7.55 -9.48
C GLY A 274 -6.10 -7.12 -9.74
N ARG A 275 -6.46 -5.91 -9.34
CA ARG A 275 -7.85 -5.44 -9.42
C ARG A 275 -8.13 -4.53 -10.59
N GLN A 276 -7.11 -4.12 -11.35
CA GLN A 276 -7.33 -3.20 -12.46
C GLN A 276 -7.14 -3.94 -13.78
N LEU A 277 -6.03 -3.71 -14.47
CA LEU A 277 -5.81 -4.47 -15.71
C LEU A 277 -5.54 -5.93 -15.37
N ASP A 278 -6.38 -6.83 -15.85
CA ASP A 278 -6.12 -8.25 -15.71
C ASP A 278 -5.09 -8.65 -16.77
N GLY A 279 -3.95 -9.18 -16.33
CA GLY A 279 -2.83 -9.41 -17.21
C GLY A 279 -1.73 -8.37 -17.10
N ALA A 280 -1.94 -7.33 -16.29
CA ALA A 280 -0.86 -6.42 -15.93
C ALA A 280 0.23 -7.16 -15.19
N VAL A 281 1.47 -6.90 -15.56
CA VAL A 281 2.65 -7.46 -14.90
C VAL A 281 2.57 -7.20 -13.39
N PRO A 282 3.02 -8.11 -12.54
CA PRO A 282 3.14 -7.78 -11.10
C PRO A 282 4.18 -6.72 -10.85
N GLY A 283 3.92 -5.88 -9.84
CA GLY A 283 4.88 -4.84 -9.48
C GLY A 283 6.23 -5.41 -9.11
N ILE A 284 6.23 -6.54 -8.39
CA ILE A 284 7.49 -7.14 -7.93
C ILE A 284 8.37 -7.53 -9.12
N GLU A 285 7.75 -7.84 -10.27
CA GLU A 285 8.50 -8.17 -11.48
C GLU A 285 9.15 -6.94 -12.12
N MET A 286 8.58 -5.75 -11.92
CA MET A 286 9.15 -4.53 -12.47
C MET A 286 10.00 -3.76 -11.48
N LEU A 287 9.99 -4.17 -10.20
CA LEU A 287 10.58 -3.34 -9.15
C LEU A 287 12.06 -3.10 -9.37
N GLY A 288 12.83 -4.17 -9.65
CA GLY A 288 14.27 -3.98 -9.78
C GLY A 288 14.65 -3.05 -10.91
N GLU A 289 14.04 -3.23 -12.07
CA GLU A 289 14.29 -2.32 -13.20
C GLU A 289 13.91 -0.88 -12.87
N ILE A 290 12.77 -0.70 -12.22
CA ILE A 290 12.33 0.64 -11.87
C ILE A 290 13.29 1.28 -10.86
N VAL A 291 13.76 0.51 -9.88
CA VAL A 291 14.69 1.06 -8.89
C VAL A 291 15.96 1.54 -9.57
N ALA A 292 16.50 0.74 -10.50
CA ALA A 292 17.70 1.17 -11.21
C ALA A 292 17.44 2.42 -12.04
N ALA A 293 16.28 2.50 -12.71
CA ALA A 293 16.03 3.65 -13.58
C ALA A 293 15.83 4.94 -12.80
N VAL A 294 15.21 4.83 -11.62
CA VAL A 294 14.95 6.01 -10.80
C VAL A 294 16.23 6.52 -10.16
N SER A 295 17.18 5.63 -9.91
CA SER A 295 18.51 5.98 -9.36
C SER A 295 18.43 6.93 -8.18
N GLY A 296 17.64 6.55 -7.17
CA GLY A 296 17.49 7.33 -5.96
C GLY A 296 16.69 8.62 -6.09
N GLY A 297 16.08 8.88 -7.25
CA GLY A 297 15.39 10.15 -7.44
C GLY A 297 14.05 10.26 -6.73
N CYS A 298 13.48 9.15 -6.28
CA CYS A 298 12.29 9.16 -5.44
C CYS A 298 12.26 7.85 -4.67
N GLU A 299 11.41 7.80 -3.65
CA GLU A 299 11.14 6.55 -2.94
C GLU A 299 10.37 5.63 -3.86
N VAL A 300 10.71 4.34 -3.83
CA VAL A 300 10.03 3.34 -4.63
C VAL A 300 9.44 2.30 -3.68
N LEU A 301 8.13 2.34 -3.56
CA LEU A 301 7.41 1.34 -2.80
C LEU A 301 6.87 0.31 -3.76
N VAL A 302 6.47 -0.84 -3.20
CA VAL A 302 5.86 -1.90 -3.97
C VAL A 302 4.74 -2.46 -3.11
N ASP A 303 3.69 -2.95 -3.76
CA ASP A 303 2.70 -3.73 -3.03
C ASP A 303 2.22 -4.87 -3.92
N GLY A 304 1.33 -5.69 -3.38
CA GLY A 304 0.79 -6.83 -4.09
C GLY A 304 1.31 -8.13 -3.53
N GLY A 305 0.53 -8.76 -2.65
CA GLY A 305 0.84 -10.09 -2.20
C GLY A 305 1.86 -10.20 -1.09
N ILE A 306 2.22 -9.10 -0.44
CA ILE A 306 3.09 -9.17 0.73
C ILE A 306 2.33 -9.88 1.84
N ARG A 307 2.83 -11.05 2.26
CA ARG A 307 2.10 -11.88 3.22
C ARG A 307 2.98 -12.37 4.38
N SER A 308 4.16 -11.80 4.56
CA SER A 308 5.06 -12.25 5.63
C SER A 308 6.19 -11.23 5.75
N GLY A 309 6.96 -11.39 6.82
CA GLY A 309 8.19 -10.63 6.95
C GLY A 309 9.23 -11.02 5.90
N GLY A 310 9.29 -12.29 5.55
CA GLY A 310 10.17 -12.72 4.46
C GLY A 310 9.85 -12.04 3.14
N ASP A 311 8.55 -11.81 2.87
CA ASP A 311 8.15 -11.09 1.65
C ASP A 311 8.61 -9.65 1.70
N VAL A 312 8.53 -9.03 2.89
CA VAL A 312 9.06 -7.68 3.05
C VAL A 312 10.55 -7.67 2.75
N LEU A 313 11.27 -8.67 3.27
CA LEU A 313 12.69 -8.76 3.00
C LEU A 313 12.96 -8.90 1.50
N LYS A 314 12.19 -9.74 0.83
CA LYS A 314 12.35 -9.93 -0.61
C LYS A 314 12.14 -8.61 -1.36
N ALA A 315 11.04 -7.91 -1.04
CA ALA A 315 10.79 -6.61 -1.65
C ALA A 315 11.93 -5.64 -1.40
N THR A 316 12.45 -5.57 -0.17
CA THR A 316 13.53 -4.62 0.06
C THR A 316 14.81 -5.06 -0.64
N ALA A 317 15.09 -6.38 -0.71
CA ALA A 317 16.27 -6.87 -1.45
C ALA A 317 16.18 -6.57 -2.94
N LEU A 318 14.97 -6.50 -3.50
CA LEU A 318 14.78 -6.08 -4.89
C LEU A 318 14.89 -4.58 -5.05
N GLY A 319 14.99 -3.84 -3.95
CA GLY A 319 15.27 -2.42 -3.96
C GLY A 319 14.13 -1.54 -3.43
N ALA A 320 13.01 -2.09 -2.98
CA ALA A 320 11.92 -1.25 -2.49
C ALA A 320 12.35 -0.45 -1.25
N SER A 321 11.82 0.77 -1.15
CA SER A 321 11.98 1.57 0.07
C SER A 321 11.11 1.01 1.20
N ALA A 322 9.93 0.51 0.84
CA ALA A 322 8.91 0.05 1.77
C ALA A 322 7.88 -0.69 0.96
N VAL A 323 7.01 -1.41 1.65
CA VAL A 323 5.89 -2.08 1.02
C VAL A 323 4.60 -1.45 1.52
N LEU A 324 3.54 -1.65 0.77
CA LEU A 324 2.18 -1.50 1.30
C LEU A 324 1.59 -2.88 1.50
N VAL A 325 0.76 -3.01 2.52
CA VAL A 325 0.01 -4.23 2.80
C VAL A 325 -1.45 -3.87 2.85
N GLY A 326 -2.28 -4.60 2.09
CA GLY A 326 -3.69 -4.28 1.96
C GLY A 326 -4.60 -5.32 2.59
N ARG A 327 -4.90 -6.39 1.85
CA ARG A 327 -5.88 -7.36 2.33
C ARG A 327 -5.56 -7.96 3.71
N PRO A 328 -4.32 -8.35 4.03
CA PRO A 328 -4.07 -8.89 5.37
C PRO A 328 -4.50 -7.98 6.51
N VAL A 329 -4.35 -6.67 6.35
CA VAL A 329 -4.74 -5.74 7.42
C VAL A 329 -6.25 -5.78 7.61
N MET A 330 -7.00 -5.96 6.53
CA MET A 330 -8.46 -6.05 6.62
C MET A 330 -8.89 -7.40 7.19
N TRP A 331 -8.16 -8.47 6.90
CA TRP A 331 -8.45 -9.73 7.58
C TRP A 331 -8.33 -9.58 9.09
N ALA A 332 -7.25 -8.92 9.55
CA ALA A 332 -7.07 -8.69 10.97
C ALA A 332 -8.17 -7.79 11.53
N LEU A 333 -8.59 -6.80 10.73
CA LEU A 333 -9.64 -5.89 11.16
C LEU A 333 -10.99 -6.60 11.26
N ALA A 334 -11.31 -7.44 10.28
CA ALA A 334 -12.56 -8.18 10.35
C ALA A 334 -12.53 -9.22 11.46
N ALA A 335 -11.35 -9.76 11.77
CA ALA A 335 -11.25 -10.83 12.75
C ALA A 335 -11.37 -10.31 14.18
N ALA A 336 -10.68 -9.20 14.51
CA ALA A 336 -10.61 -8.77 15.90
C ALA A 336 -10.43 -7.26 16.06
N GLY A 337 -10.92 -6.47 15.11
CA GLY A 337 -10.89 -5.03 15.26
C GLY A 337 -9.48 -4.49 15.48
N GLN A 338 -9.41 -3.41 16.27
CA GLN A 338 -8.13 -2.72 16.46
C GLN A 338 -7.08 -3.64 17.05
N ASP A 339 -7.47 -4.44 18.03
CA ASP A 339 -6.52 -5.37 18.64
C ASP A 339 -6.03 -6.40 17.62
N GLY A 340 -6.89 -6.79 16.69
CA GLY A 340 -6.47 -7.71 15.65
C GLY A 340 -5.44 -7.10 14.71
N VAL A 341 -5.65 -5.84 14.32
CA VAL A 341 -4.65 -5.17 13.49
C VAL A 341 -3.35 -4.99 14.27
N ARG A 342 -3.44 -4.61 15.54
CA ARG A 342 -2.23 -4.42 16.33
C ARG A 342 -1.40 -5.69 16.41
N GLN A 343 -2.08 -6.85 16.54
CA GLN A 343 -1.36 -8.12 16.61
C GLN A 343 -0.71 -8.46 15.28
N LEU A 344 -1.44 -8.22 14.18
CA LEU A 344 -0.85 -8.39 12.85
C LEU A 344 0.41 -7.57 12.71
N LEU A 345 0.34 -6.27 13.02
CA LEU A 345 1.51 -5.41 12.88
C LEU A 345 2.63 -5.83 13.82
N GLU A 346 2.29 -6.27 15.04
CA GLU A 346 3.32 -6.76 15.96
C GLU A 346 4.00 -8.00 15.40
N LEU A 347 3.21 -8.96 14.92
CA LEU A 347 3.76 -10.16 14.32
C LEU A 347 4.58 -9.83 13.07
N LEU A 348 4.09 -8.90 12.25
CA LEU A 348 4.85 -8.54 11.06
C LEU A 348 6.19 -7.93 11.44
N ALA A 349 6.19 -7.05 12.45
CA ALA A 349 7.44 -6.45 12.92
C ALA A 349 8.40 -7.51 13.41
N GLU A 350 7.89 -8.55 14.09
CA GLU A 350 8.76 -9.62 14.54
C GLU A 350 9.32 -10.41 13.35
N GLU A 351 8.47 -10.73 12.37
CA GLU A 351 8.93 -11.50 11.21
C GLU A 351 9.93 -10.70 10.39
N VAL A 352 9.71 -9.40 10.22
CA VAL A 352 10.67 -8.59 9.47
C VAL A 352 12.01 -8.59 10.19
N ARG A 353 11.98 -8.35 11.51
CA ARG A 353 13.23 -8.33 12.26
C ARG A 353 13.94 -9.68 12.17
N ASP A 354 13.19 -10.77 12.31
CA ASP A 354 13.77 -12.10 12.23
C ASP A 354 14.40 -12.33 10.87
N ALA A 355 13.64 -12.05 9.80
CA ALA A 355 14.15 -12.28 8.46
C ALA A 355 15.39 -11.44 8.19
N MET A 356 15.40 -10.18 8.63
CA MET A 356 16.57 -9.32 8.40
C MET A 356 17.82 -9.87 9.10
N GLY A 357 17.68 -10.33 10.34
CA GLY A 357 18.84 -10.84 11.06
C GLY A 357 19.34 -12.15 10.47
N LEU A 358 18.43 -13.04 10.13
CA LEU A 358 18.83 -14.28 9.47
C LEU A 358 19.55 -14.01 8.15
N ALA A 359 19.25 -12.89 7.48
CA ALA A 359 19.92 -12.48 6.24
C ALA A 359 21.17 -11.65 6.48
N GLY A 360 21.55 -11.40 7.74
CA GLY A 360 22.73 -10.60 8.04
C GLY A 360 22.57 -9.10 7.90
N CYS A 361 21.36 -8.58 8.01
CA CYS A 361 21.13 -7.16 7.80
C CYS A 361 20.76 -6.49 9.11
N GLU A 362 21.62 -5.59 9.55
CA GLU A 362 21.33 -4.81 10.75
C GLU A 362 20.38 -3.66 10.46
N SER A 363 20.18 -3.29 9.20
CA SER A 363 19.34 -2.14 8.85
C SER A 363 18.63 -2.43 7.54
N VAL A 364 17.57 -1.65 7.28
CA VAL A 364 16.85 -1.89 6.04
C VAL A 364 17.74 -1.55 4.85
N GLY A 365 18.61 -0.55 5.01
CA GLY A 365 19.54 -0.22 3.94
C GLY A 365 20.44 -1.38 3.55
N ALA A 366 20.89 -2.16 4.55
CA ALA A 366 21.67 -3.36 4.28
C ALA A 366 20.82 -4.41 3.57
N ALA A 367 19.55 -4.50 3.94
CA ALA A 367 18.64 -5.42 3.28
C ALA A 367 18.46 -5.07 1.80
N ARG A 368 18.41 -3.77 1.46
CA ARG A 368 18.33 -3.38 0.05
C ARG A 368 19.58 -3.78 -0.74
N ARG A 369 20.72 -3.97 -0.08
CA ARG A 369 21.92 -4.40 -0.80
C ARG A 369 22.04 -5.91 -0.92
N LEU A 370 21.09 -6.68 -0.39
CA LEU A 370 21.12 -8.14 -0.57
C LEU A 370 20.91 -8.51 -2.04
N ASN A 371 21.52 -9.60 -2.45
CA ASN A 371 21.24 -10.12 -3.78
C ASN A 371 20.13 -11.16 -3.70
N THR A 372 19.51 -11.42 -4.84
CA THR A 372 18.44 -12.41 -4.95
C THR A 372 18.75 -13.33 -6.13
N LYS A 373 18.05 -14.44 -6.17
CA LYS A 373 18.11 -15.39 -7.26
C LYS A 373 16.71 -15.85 -7.57
N LEU A 374 16.36 -15.92 -8.85
CA LEU A 374 15.06 -16.41 -9.27
C LEU A 374 15.07 -17.93 -9.39
N GLY A 375 14.01 -18.57 -8.88
CA GLY A 375 13.93 -20.01 -8.80
C GLY A 375 12.61 -20.54 -9.34
N VAL A 376 12.25 -21.73 -8.86
CA VAL A 376 10.99 -22.38 -9.22
C VAL A 376 10.26 -22.87 -7.96
CAA 9PX B . -10.91 -4.05 -1.17
CAB 9PX B . -9.87 -3.29 -1.71
CAC 9PX B . -10.05 -1.92 -1.90
CAD 9PX B . -9.01 -1.15 -2.45
CAE 9PX B . -7.81 -1.75 -2.84
CAF 9PX B . -7.64 -3.10 -2.61
CAG 9PX B . -8.67 -3.87 -2.06
CAH 9PX B . -8.46 -5.23 -1.89
CAJ 9PX B . -6.97 0.33 -3.48
CAL 9PX B . -6.14 2.41 -4.13
CAO 9PX B . -8.38 2.08 -3.36
CAQ 9PX B . -8.23 0.69 -3.46
CAS 9PX B . -5.47 -1.61 -3.64
CAT 9PX B . -4.50 -1.53 -2.46
CAU 9PX B . -3.18 -2.28 -2.77
CAV 9PX B . -3.38 -3.77 -2.87
CAW 9PX B . -2.08 -4.33 -2.30
CBF 9PX B . -11.04 0.70 -5.24
CBK 9PX B . -12.34 -1.14 -5.03
NAI 9PX B . -6.79 -1.00 -3.34
NAK 9PX B . -5.96 1.09 -3.94
NAN 9PX B . -7.38 2.95 -3.82
NAR 9PX B . -9.18 0.16 -2.62
OAM 9PX B . -5.21 3.13 -4.52
OAP 9PX B . -9.50 2.56 -3.13
OAX 9PX B . -2.09 -5.70 -2.51
OAZ 9PX B . -2.15 -8.08 -1.84
OBA 9PX B . -1.63 -6.41 -0.03
OBB 9PX B . -4.01 -6.50 -0.91
OBC 9PX B . -4.50 -4.21 -2.10
OBD 9PX B . -2.59 -1.88 -4.01
OBE 9PX B . -4.18 -0.16 -2.22
OBG 9PX B . -11.00 -0.66 -5.17
OBH 9PX B . -12.09 1.34 -5.19
OBI 9PX B . -9.81 1.31 -5.39
OBJ 9PX B . -8.69 0.56 -4.77
PAY 9PX B . -2.47 -6.73 -1.35
#